data_2X8M
#
_entry.id   2X8M
#
_cell.length_a   52.335
_cell.length_b   115.690
_cell.length_c   73.201
_cell.angle_alpha   90.00
_cell.angle_beta   90.00
_cell.angle_gamma   90.00
#
_symmetry.space_group_name_H-M   'P 21 21 2'
#
loop_
_entity.id
_entity.type
_entity.pdbx_description
1 polymer 'CHOLINE-BINDING PROTEIN F'
2 non-polymer 'SULFATE ION'
3 non-polymer GLYCEROL
4 non-polymer IPRATROPIUM
5 non-polymer 'CHOLINE ION'
6 water water
#
_entity_poly.entity_id   1
_entity_poly.type   'polypeptide(L)'
_entity_poly.pdbx_seq_one_letter_code
;NTTGGRFVDKDNRKYYVKDDHKAIYWHKIDGKTYYFGDIGEMVVGWQYLEIPGTGYRDNLFDNQPVNEIGLQEKWYYFGQ
DGALLEQTDKQVLEAKTSENTGKVYGEQYPLSAEKRTYYFDNNYAVKTGWIYEDGNWYYLNKLGNFGDDSYNPLPIGEVA
KGWTQDFHVTIDIDRSKPAPWYYLDASGKMLTDWQKVNGKWYYFGSSGSMATGWKYVRGKWYYLDNKNGDMKTGWQYLGN
KWYYLRSSGAMVTGWYQDGLTWYYLNAGNGDMKTGWFQVNGKWYYAYSSGALAVNTTVDGYSVNYNGEWVQ
;
_entity_poly.pdbx_strand_id   A
#
loop_
_chem_comp.id
_chem_comp.type
_chem_comp.name
_chem_comp.formula
CHT non-polymer 'CHOLINE ION' 'C5 H14 N O 1'
GOL non-polymer GLYCEROL 'C3 H8 O3'
SO4 non-polymer 'SULFATE ION' 'O4 S -2'
X8M non-polymer IPRATROPIUM 'C20 H30 N O3 1'
#
# COMPACT_ATOMS: atom_id res chain seq x y z
N ASN A 1 28.21 -6.56 23.94
CA ASN A 1 29.10 -7.27 24.89
C ASN A 1 30.57 -6.93 24.67
N THR A 2 30.84 -5.65 24.44
CA THR A 2 32.21 -5.18 24.23
C THR A 2 32.72 -4.50 25.48
N THR A 3 33.87 -4.95 25.97
CA THR A 3 34.48 -4.40 27.17
C THR A 3 35.99 -4.28 27.00
N GLY A 4 36.65 -3.55 27.90
CA GLY A 4 38.09 -3.42 27.84
C GLY A 4 38.63 -2.20 27.12
N GLY A 5 37.75 -1.43 26.49
CA GLY A 5 38.20 -0.25 25.77
C GLY A 5 37.69 1.01 26.42
N ARG A 6 37.70 2.12 25.68
CA ARG A 6 37.21 3.38 26.21
C ARG A 6 36.85 4.35 25.11
N PHE A 7 35.87 5.20 25.38
CA PHE A 7 35.44 6.20 24.42
C PHE A 7 36.51 7.28 24.35
N VAL A 8 36.78 7.77 23.16
CA VAL A 8 37.79 8.79 22.97
C VAL A 8 37.34 9.90 22.03
N ASP A 9 37.57 11.15 22.44
CA ASP A 9 37.21 12.31 21.65
C ASP A 9 38.45 12.82 20.90
N LYS A 10 38.38 12.82 19.57
CA LYS A 10 39.50 13.28 18.76
C LYS A 10 39.02 13.83 17.42
N ASP A 11 39.74 14.85 16.94
CA ASP A 11 39.42 15.47 15.66
C ASP A 11 37.94 15.79 15.48
N ASN A 12 37.27 16.13 16.57
CA ASN A 12 35.85 16.48 16.55
C ASN A 12 34.95 15.29 16.22
N ARG A 13 35.35 14.12 16.73
CA ARG A 13 34.60 12.89 16.51
C ARG A 13 34.77 12.05 17.77
N LYS A 14 33.96 11.00 17.91
CA LYS A 14 34.10 10.14 19.08
C LYS A 14 34.28 8.70 18.62
N TYR A 15 35.20 8.00 19.26
CA TYR A 15 35.51 6.62 18.93
C TYR A 15 35.49 5.80 20.20
N TYR A 16 35.58 4.49 20.04
CA TYR A 16 35.65 3.59 21.17
C TYR A 16 36.90 2.79 20.86
N VAL A 17 37.93 2.95 21.69
CA VAL A 17 39.18 2.26 21.47
C VAL A 17 39.51 1.21 22.51
N LYS A 18 39.87 0.02 22.04
CA LYS A 18 40.25 -1.08 22.91
C LYS A 18 41.55 -1.67 22.35
N ASP A 19 42.50 -1.94 23.24
CA ASP A 19 43.79 -2.49 22.85
C ASP A 19 44.32 -1.81 21.59
N ASP A 20 44.17 -0.49 21.53
CA ASP A 20 44.64 0.33 20.41
C ASP A 20 43.81 0.33 19.11
N HIS A 21 42.75 -0.46 19.05
CA HIS A 21 41.94 -0.50 17.83
C HIS A 21 40.60 0.23 17.96
N LYS A 22 40.09 0.73 16.85
CA LYS A 22 38.81 1.45 16.85
C LYS A 22 37.63 0.53 16.56
N ALA A 23 36.57 0.67 17.35
CA ALA A 23 35.39 -0.14 17.15
C ALA A 23 34.70 0.30 15.87
N ILE A 24 34.15 -0.66 15.14
CA ILE A 24 33.43 -0.34 13.92
C ILE A 24 32.08 -1.03 13.97
N TYR A 25 31.12 -0.48 13.23
CA TYR A 25 29.77 -1.02 13.18
C TYR A 25 28.95 -1.06 14.48
N TRP A 26 28.38 -2.22 14.81
CA TRP A 26 27.52 -2.34 15.99
C TRP A 26 28.25 -2.90 17.21
N HIS A 27 27.99 -2.30 18.36
CA HIS A 27 28.56 -2.75 19.62
C HIS A 27 27.62 -2.52 20.79
N LYS A 28 27.59 -3.47 21.72
CA LYS A 28 26.80 -3.32 22.94
C LYS A 28 27.86 -3.07 24.00
N ILE A 29 27.88 -1.86 24.53
CA ILE A 29 28.85 -1.46 25.54
C ILE A 29 28.18 -0.97 26.81
N ASP A 30 28.40 -1.70 27.91
CA ASP A 30 27.88 -1.36 29.22
C ASP A 30 26.38 -1.03 29.28
N GLY A 31 25.54 -1.92 28.77
CA GLY A 31 24.12 -1.72 28.82
C GLY A 31 23.50 -0.83 27.75
N LYS A 32 24.31 -0.33 26.83
CA LYS A 32 23.81 0.52 25.74
C LYS A 32 24.40 0.05 24.41
N THR A 33 23.71 0.37 23.32
CA THR A 33 24.13 -0.02 21.98
C THR A 33 24.58 1.17 21.15
N TYR A 34 25.72 1.00 20.48
CA TYR A 34 26.30 2.05 19.65
C TYR A 34 26.65 1.52 18.27
N TYR A 35 26.86 2.44 17.34
CA TYR A 35 27.22 2.08 15.97
C TYR A 35 28.33 3.04 15.56
N PHE A 36 29.45 2.47 15.09
CA PHE A 36 30.61 3.28 14.72
C PHE A 36 30.97 3.32 13.24
N GLY A 37 30.03 2.92 12.39
CA GLY A 37 30.28 2.94 10.96
C GLY A 37 31.44 2.09 10.48
N ASP A 38 31.99 2.46 9.32
CA ASP A 38 33.09 1.71 8.74
C ASP A 38 34.48 2.09 9.24
N ILE A 39 34.63 3.31 9.75
CA ILE A 39 35.95 3.74 10.24
C ILE A 39 35.99 4.11 11.72
N GLY A 40 34.90 3.88 12.44
CA GLY A 40 34.89 4.16 13.87
C GLY A 40 34.19 5.40 14.39
N GLU A 41 33.74 6.28 13.51
CA GLU A 41 33.07 7.49 13.94
C GLU A 41 31.68 7.20 14.49
N MET A 42 31.52 7.35 15.80
CA MET A 42 30.24 7.07 16.45
C MET A 42 29.11 7.92 15.84
N VAL A 43 28.00 7.26 15.50
CA VAL A 43 26.87 7.96 14.89
C VAL A 43 25.87 8.46 15.94
N VAL A 44 25.06 9.43 15.53
CA VAL A 44 24.02 10.00 16.39
C VAL A 44 22.80 10.32 15.52
N GLY A 45 21.64 10.47 16.15
CA GLY A 45 20.43 10.81 15.42
C GLY A 45 19.90 9.70 14.52
N TRP A 46 19.18 10.10 13.48
CA TRP A 46 18.59 9.15 12.53
C TRP A 46 19.63 8.46 11.65
N GLN A 47 19.53 7.15 11.54
CA GLN A 47 20.48 6.37 10.75
C GLN A 47 19.78 5.23 10.00
N TYR A 48 20.16 5.03 8.75
CA TYR A 48 19.62 3.95 7.91
C TYR A 48 20.78 2.96 7.84
N LEU A 49 20.70 1.88 8.63
CA LEU A 49 21.79 0.92 8.72
C LEU A 49 21.43 -0.55 8.53
N GLU A 50 22.46 -1.38 8.35
CA GLU A 50 22.26 -2.82 8.21
C GLU A 50 21.82 -3.30 9.58
N ILE A 51 20.86 -4.23 9.61
CA ILE A 51 20.34 -4.73 10.87
C ILE A 51 21.41 -5.41 11.73
N PRO A 52 21.38 -5.16 13.05
CA PRO A 52 22.36 -5.76 13.96
C PRO A 52 21.97 -7.12 14.50
N GLY A 53 22.92 -7.80 15.14
CA GLY A 53 22.64 -9.08 15.76
C GLY A 53 23.16 -10.34 15.10
N THR A 54 23.48 -10.30 13.82
CA THR A 54 23.95 -11.51 13.13
C THR A 54 25.40 -11.86 13.46
N GLY A 55 26.15 -10.86 13.90
CA GLY A 55 27.55 -11.07 14.21
C GLY A 55 28.44 -10.61 13.07
N TYR A 56 27.87 -10.47 11.88
CA TYR A 56 28.65 -10.04 10.71
C TYR A 56 28.96 -8.54 10.69
N ARG A 57 28.21 -7.79 11.48
CA ARG A 57 28.43 -6.34 11.57
C ARG A 57 28.37 -5.98 13.04
N ASP A 58 28.83 -6.91 13.88
CA ASP A 58 28.78 -6.74 15.32
C ASP A 58 30.07 -7.13 16.03
N ASN A 59 30.37 -6.44 17.13
CA ASN A 59 31.56 -6.72 17.93
C ASN A 59 32.84 -6.63 17.09
N LEU A 60 32.83 -5.83 16.03
CA LEU A 60 34.00 -5.71 15.17
C LEU A 60 34.90 -4.50 15.43
N PHE A 61 36.19 -4.68 15.17
CA PHE A 61 37.18 -3.63 15.33
C PHE A 61 37.90 -3.48 14.00
N ASP A 62 38.37 -2.27 13.71
CA ASP A 62 39.02 -1.97 12.44
C ASP A 62 40.27 -2.78 12.10
N ASN A 63 40.71 -3.66 13.00
CA ASN A 63 41.87 -4.48 12.71
C ASN A 63 41.41 -5.86 12.30
N GLN A 64 40.09 -6.06 12.29
CA GLN A 64 39.51 -7.35 11.91
C GLN A 64 38.85 -7.30 10.53
N PRO A 65 38.79 -8.44 9.84
CA PRO A 65 38.19 -8.53 8.50
C PRO A 65 36.67 -8.32 8.56
N VAL A 66 36.14 -7.63 7.54
CA VAL A 66 34.72 -7.35 7.48
C VAL A 66 34.04 -8.23 6.43
N ASN A 67 33.95 -9.53 6.71
CA ASN A 67 33.32 -10.48 5.80
C ASN A 67 32.16 -9.86 5.04
N GLU A 68 31.93 -10.34 3.82
CA GLU A 68 30.84 -9.84 2.99
C GLU A 68 29.51 -10.48 3.38
N ILE A 69 28.52 -9.64 3.68
CA ILE A 69 27.20 -10.12 4.07
C ILE A 69 26.10 -9.27 3.45
N GLY A 70 24.97 -9.91 3.16
CA GLY A 70 23.83 -9.21 2.57
C GLY A 70 22.77 -9.04 3.64
N LEU A 71 22.65 -7.82 4.16
CA LEU A 71 21.68 -7.53 5.22
C LEU A 71 20.77 -6.37 4.88
N GLN A 72 19.48 -6.51 5.15
CA GLN A 72 18.53 -5.44 4.87
C GLN A 72 18.92 -4.24 5.72
N GLU A 73 18.59 -3.05 5.24
CA GLU A 73 18.88 -1.83 5.98
C GLU A 73 17.57 -1.31 6.54
N LYS A 74 17.61 -0.73 7.74
CA LYS A 74 16.42 -0.18 8.36
C LYS A 74 16.77 1.10 9.08
N TRP A 75 15.75 1.87 9.44
CA TRP A 75 15.95 3.13 10.15
C TRP A 75 16.04 2.88 11.65
N TYR A 76 17.02 3.54 12.29
CA TYR A 76 17.22 3.45 13.74
C TYR A 76 17.43 4.88 14.25
N TYR A 77 17.20 5.09 15.54
CA TYR A 77 17.41 6.41 16.13
C TYR A 77 18.40 6.29 17.28
N PHE A 78 19.40 7.17 17.28
CA PHE A 78 20.43 7.19 18.31
C PHE A 78 20.40 8.53 19.04
N GLY A 79 20.61 8.49 20.35
CA GLY A 79 20.63 9.72 21.13
C GLY A 79 21.86 10.54 20.77
N GLN A 80 21.92 11.77 21.30
CA GLN A 80 23.06 12.62 21.02
C GLN A 80 24.31 12.08 21.69
N ASP A 81 24.13 11.11 22.58
CA ASP A 81 25.28 10.49 23.26
C ASP A 81 25.66 9.22 22.51
N GLY A 82 25.01 8.99 21.36
CA GLY A 82 25.30 7.80 20.58
C GLY A 82 24.57 6.54 20.97
N ALA A 83 23.79 6.60 22.04
CA ALA A 83 23.07 5.41 22.50
C ALA A 83 21.83 5.12 21.64
N LEU A 84 21.68 3.87 21.24
CA LEU A 84 20.52 3.49 20.43
C LEU A 84 19.24 3.60 21.26
N LEU A 85 18.20 4.16 20.64
CA LEU A 85 16.91 4.26 21.32
C LEU A 85 16.29 2.88 21.17
N GLU A 86 16.23 2.14 22.27
CA GLU A 86 15.68 0.78 22.22
C GLU A 86 14.17 0.74 22.42
N GLN A 87 13.46 1.42 21.53
CA GLN A 87 12.00 1.49 21.57
C GLN A 87 11.39 0.31 20.79
N THR A 88 10.30 -0.25 21.30
CA THR A 88 9.63 -1.35 20.62
C THR A 88 8.15 -1.04 20.40
N ASP A 89 7.73 0.16 20.78
CA ASP A 89 6.33 0.54 20.62
C ASP A 89 6.25 1.76 19.70
N LYS A 90 6.37 2.95 20.29
CA LYS A 90 6.32 4.18 19.52
C LYS A 90 6.91 5.32 20.33
N GLN A 91 7.27 6.40 19.64
CA GLN A 91 7.83 7.56 20.31
C GLN A 91 7.83 8.78 19.40
N VAL A 92 7.55 9.94 19.98
CA VAL A 92 7.53 11.18 19.22
C VAL A 92 8.98 11.64 19.10
N LEU A 93 9.43 11.80 17.87
CA LEU A 93 10.80 12.20 17.62
C LEU A 93 10.88 13.23 16.51
N GLU A 94 12.01 13.92 16.45
CA GLU A 94 12.25 14.91 15.41
C GLU A 94 12.05 14.16 14.10
N ALA A 95 11.36 14.77 13.16
CA ALA A 95 11.12 14.11 11.88
C ALA A 95 12.45 13.91 11.16
N LYS A 96 12.60 12.78 10.47
CA LYS A 96 13.86 12.58 9.75
C LYS A 96 13.75 13.28 8.41
N THR A 97 14.76 14.06 8.08
CA THR A 97 14.81 14.81 6.83
C THR A 97 16.17 14.62 6.19
N SER A 98 16.39 15.29 5.07
CA SER A 98 17.66 15.20 4.37
C SER A 98 18.75 15.94 5.09
N GLU A 99 18.40 16.63 6.18
CA GLU A 99 19.38 17.41 6.93
C GLU A 99 19.82 16.83 8.27
N ASN A 100 19.10 15.84 8.78
CA ASN A 100 19.44 15.28 10.08
C ASN A 100 19.66 13.77 10.14
N THR A 101 20.08 13.17 9.03
CA THR A 101 20.32 11.72 9.02
C THR A 101 21.75 11.39 8.61
N GLY A 102 22.25 10.28 9.13
CA GLY A 102 23.61 9.86 8.80
C GLY A 102 24.69 10.73 9.42
N LYS A 103 24.33 11.52 10.42
CA LYS A 103 25.31 12.39 11.07
C LYS A 103 26.10 11.62 12.14
N VAL A 104 27.32 12.05 12.40
CA VAL A 104 28.14 11.40 13.41
C VAL A 104 28.39 12.38 14.56
N TYR A 105 28.75 11.84 15.72
CA TYR A 105 29.01 12.67 16.88
C TYR A 105 30.09 13.70 16.53
N GLY A 106 29.83 14.97 16.84
CA GLY A 106 30.79 16.00 16.53
C GLY A 106 30.30 16.92 15.42
N GLU A 107 29.48 16.37 14.53
CA GLU A 107 28.93 17.16 13.44
C GLU A 107 27.83 18.06 13.97
N GLN A 108 27.67 19.21 13.33
CA GLN A 108 26.65 20.15 13.72
C GLN A 108 25.52 20.08 12.71
N TYR A 109 24.28 20.00 13.19
CA TYR A 109 23.12 19.94 12.31
C TYR A 109 21.88 20.37 13.07
N PRO A 110 20.88 20.91 12.37
CA PRO A 110 19.62 21.36 12.98
C PRO A 110 18.69 20.25 13.44
N LEU A 111 17.87 20.57 14.44
CA LEU A 111 16.91 19.62 14.98
C LEU A 111 15.55 19.96 14.36
N SER A 112 14.92 18.98 13.75
CA SER A 112 13.63 19.16 13.10
C SER A 112 12.64 19.88 14.01
N ALA A 113 12.17 21.02 13.56
CA ALA A 113 11.19 21.80 14.33
C ALA A 113 9.88 21.02 14.35
N GLU A 114 9.78 20.03 13.47
CA GLU A 114 8.58 19.21 13.40
C GLU A 114 8.84 17.86 14.03
N LYS A 115 7.93 17.45 14.91
CA LYS A 115 8.04 16.16 15.58
C LYS A 115 6.94 15.26 15.01
N ARG A 116 7.20 13.96 14.98
CA ARG A 116 6.22 13.01 14.48
C ARG A 116 6.26 11.75 15.34
N THR A 117 5.17 11.01 15.34
CA THR A 117 5.11 9.78 16.09
C THR A 117 5.66 8.68 15.20
N TYR A 118 6.74 8.05 15.65
CA TYR A 118 7.34 6.96 14.90
C TYR A 118 7.07 5.66 15.64
N TYR A 119 6.78 4.62 14.87
CA TYR A 119 6.49 3.31 15.41
C TYR A 119 7.72 2.41 15.24
N PHE A 120 7.94 1.53 16.21
CA PHE A 120 9.12 0.65 16.18
C PHE A 120 8.77 -0.82 16.27
N ASP A 121 9.64 -1.69 15.73
CA ASP A 121 9.38 -3.12 15.83
C ASP A 121 10.06 -3.65 17.09
N ASN A 122 9.95 -4.94 17.35
CA ASN A 122 10.53 -5.50 18.56
C ASN A 122 12.04 -5.56 18.58
N ASN A 123 12.67 -5.13 17.48
CA ASN A 123 14.11 -5.15 17.38
C ASN A 123 14.69 -3.73 17.25
N TYR A 124 13.90 -2.77 17.71
CA TYR A 124 14.27 -1.36 17.75
C TYR A 124 14.39 -0.63 16.43
N ALA A 125 13.95 -1.25 15.34
CA ALA A 125 14.00 -0.58 14.04
C ALA A 125 12.65 0.11 13.83
N VAL A 126 12.63 1.15 13.01
CA VAL A 126 11.37 1.83 12.73
C VAL A 126 10.50 0.82 12.00
N LYS A 127 9.25 0.72 12.43
CA LYS A 127 8.30 -0.22 11.86
C LYS A 127 7.73 0.25 10.52
N THR A 128 7.38 -0.72 9.67
CA THR A 128 6.79 -0.43 8.37
C THR A 128 5.61 -1.37 8.18
N GLY A 129 4.74 -1.05 7.22
CA GLY A 129 3.59 -1.90 6.99
C GLY A 129 2.41 -1.40 7.79
N TRP A 130 1.42 -2.28 7.97
CA TRP A 130 0.21 -1.94 8.69
C TRP A 130 0.30 -1.89 10.20
N ILE A 131 -0.37 -0.91 10.79
CA ILE A 131 -0.45 -0.77 12.24
C ILE A 131 -1.88 -0.36 12.56
N TYR A 132 -2.40 -0.87 13.67
CA TYR A 132 -3.76 -0.55 14.09
C TYR A 132 -3.70 0.33 15.34
N GLU A 133 -4.33 1.50 15.28
CA GLU A 133 -4.34 2.39 16.42
C GLU A 133 -5.66 3.13 16.60
N ASP A 134 -6.18 3.08 17.82
CA ASP A 134 -7.41 3.73 18.18
C ASP A 134 -8.52 3.57 17.13
N GLY A 135 -8.86 2.31 16.85
CA GLY A 135 -9.91 2.02 15.89
C GLY A 135 -9.65 2.21 14.41
N ASN A 136 -8.40 2.50 14.03
CA ASN A 136 -8.11 2.68 12.61
C ASN A 136 -6.79 2.03 12.18
N TRP A 137 -6.73 1.72 10.89
CA TRP A 137 -5.54 1.13 10.30
C TRP A 137 -4.74 2.24 9.64
N TYR A 138 -3.43 2.19 9.79
CA TYR A 138 -2.53 3.16 9.20
C TYR A 138 -1.45 2.36 8.48
N TYR A 139 -0.88 2.93 7.43
CA TYR A 139 0.17 2.25 6.68
C TYR A 139 1.46 3.05 6.73
N LEU A 140 2.51 2.41 7.23
CA LEU A 140 3.82 3.04 7.32
C LEU A 140 4.61 2.56 6.11
N ASN A 141 5.05 3.50 5.26
CA ASN A 141 5.79 3.15 4.05
C ASN A 141 6.85 2.07 4.19
N LYS A 142 6.76 1.05 3.35
CA LYS A 142 7.74 -0.02 3.37
C LYS A 142 8.92 0.39 2.48
N LEU A 143 8.63 1.21 1.48
CA LEU A 143 9.62 1.66 0.50
C LEU A 143 9.88 3.16 0.47
N GLY A 144 11.05 3.52 -0.02
CA GLY A 144 11.41 4.91 -0.18
C GLY A 144 11.10 5.30 -1.61
N ASN A 145 11.55 6.47 -2.05
CA ASN A 145 11.30 6.93 -3.42
C ASN A 145 12.37 6.53 -4.42
N PHE A 146 11.92 6.01 -5.56
CA PHE A 146 12.80 5.59 -6.65
C PHE A 146 12.88 6.75 -7.64
N GLY A 147 13.98 6.88 -8.35
CA GLY A 147 14.10 7.97 -9.30
C GLY A 147 14.65 6.91 -10.23
N ASP A 148 15.00 7.30 -11.45
CA ASP A 148 15.56 6.36 -12.41
C ASP A 148 17.06 6.25 -12.11
N ASP A 149 17.46 5.16 -11.47
CA ASP A 149 18.85 4.95 -11.10
C ASP A 149 19.10 5.81 -9.87
N SER A 150 18.14 5.81 -8.95
CA SER A 150 18.21 6.58 -7.71
C SER A 150 17.20 6.07 -6.69
N TYR A 151 17.58 6.08 -5.41
CA TYR A 151 16.68 5.62 -4.34
C TYR A 151 16.85 6.44 -3.06
N ASN A 152 15.75 6.94 -2.54
CA ASN A 152 15.77 7.73 -1.31
C ASN A 152 14.97 7.01 -0.22
N PRO A 153 15.64 6.51 0.83
CA PRO A 153 14.99 5.80 1.93
C PRO A 153 14.23 6.63 2.95
N LEU A 154 14.31 7.95 2.86
CA LEU A 154 13.63 8.82 3.82
C LEU A 154 12.14 8.53 4.13
N PRO A 155 11.34 8.24 3.10
CA PRO A 155 9.91 7.97 3.34
C PRO A 155 9.60 6.69 4.13
N ILE A 156 10.59 5.80 4.25
CA ILE A 156 10.35 4.55 4.96
C ILE A 156 9.92 4.78 6.39
N GLY A 157 8.82 4.15 6.77
CA GLY A 157 8.32 4.30 8.13
C GLY A 157 7.41 5.49 8.36
N GLU A 158 7.25 6.34 7.35
CA GLU A 158 6.39 7.51 7.49
C GLU A 158 4.94 7.09 7.22
N VAL A 159 3.99 7.81 7.79
CA VAL A 159 2.57 7.53 7.60
C VAL A 159 2.20 7.83 6.14
N ALA A 160 1.63 6.84 5.45
CA ALA A 160 1.25 7.01 4.05
C ALA A 160 -0.07 7.75 3.90
N LYS A 161 -0.19 8.52 2.82
CA LYS A 161 -1.41 9.28 2.55
C LYS A 161 -1.82 9.05 1.10
N GLY A 162 -3.12 9.03 0.86
CA GLY A 162 -3.62 8.85 -0.50
C GLY A 162 -3.53 7.43 -1.03
N TRP A 163 -3.57 7.31 -2.35
CA TRP A 163 -3.48 6.00 -3.00
C TRP A 163 -2.16 5.36 -2.69
N THR A 164 -2.21 4.13 -2.17
CA THR A 164 -0.99 3.44 -1.77
C THR A 164 -1.07 1.95 -2.06
N GLN A 165 -0.06 1.45 -2.77
CA GLN A 165 0.01 0.05 -3.10
C GLN A 165 0.83 -0.66 -2.03
N ASP A 166 0.32 -1.77 -1.51
CA ASP A 166 1.02 -2.51 -0.47
C ASP A 166 1.80 -3.71 -1.04
N PHE A 167 3.06 -3.48 -1.39
CA PHE A 167 3.91 -4.52 -1.93
C PHE A 167 4.52 -5.41 -0.84
N HIS A 168 4.96 -6.60 -1.24
CA HIS A 168 5.64 -7.49 -0.31
C HIS A 168 7.07 -7.00 -0.48
N VAL A 169 7.70 -6.53 0.60
CA VAL A 169 9.04 -5.98 0.52
C VAL A 169 10.03 -6.42 1.58
N THR A 170 11.25 -6.70 1.15
CA THR A 170 12.35 -7.09 2.04
C THR A 170 13.59 -6.25 1.80
N ILE A 171 14.33 -6.53 0.73
CA ILE A 171 15.44 -5.67 0.34
C ILE A 171 14.88 -4.98 -0.90
N ASP A 172 14.08 -5.73 -1.65
CA ASP A 172 13.45 -5.23 -2.87
C ASP A 172 11.99 -5.67 -2.89
N ILE A 173 11.23 -5.14 -3.84
CA ILE A 173 9.82 -5.51 -3.97
C ILE A 173 9.79 -6.93 -4.53
N ASP A 174 8.84 -7.74 -4.09
CA ASP A 174 8.72 -9.09 -4.61
C ASP A 174 7.60 -9.06 -5.65
N ARG A 175 7.99 -8.89 -6.91
CA ARG A 175 7.06 -8.80 -8.03
C ARG A 175 6.12 -9.99 -8.21
N SER A 176 6.50 -11.15 -7.66
CA SER A 176 5.64 -12.33 -7.81
C SER A 176 4.44 -12.29 -6.87
N LYS A 177 4.56 -11.54 -5.79
CA LYS A 177 3.47 -11.41 -4.82
C LYS A 177 2.45 -10.36 -5.23
N PRO A 178 1.20 -10.48 -4.73
CA PRO A 178 0.13 -9.54 -5.04
C PRO A 178 0.34 -8.23 -4.29
N ALA A 179 -0.08 -7.12 -4.89
CA ALA A 179 0.06 -5.82 -4.28
C ALA A 179 -1.23 -5.03 -4.40
N PRO A 180 -2.15 -5.20 -3.44
CA PRO A 180 -3.45 -4.52 -3.42
C PRO A 180 -3.29 -3.02 -3.25
N TRP A 181 -4.31 -2.27 -3.68
CA TRP A 181 -4.30 -0.82 -3.54
C TRP A 181 -5.18 -0.43 -2.35
N TYR A 182 -4.75 0.61 -1.64
CA TYR A 182 -5.50 1.11 -0.49
C TYR A 182 -5.54 2.62 -0.61
N TYR A 183 -6.43 3.24 0.15
CA TYR A 183 -6.50 4.70 0.15
C TYR A 183 -6.50 5.19 1.60
N LEU A 184 -5.51 5.99 1.95
CA LEU A 184 -5.41 6.52 3.29
C LEU A 184 -5.81 8.00 3.25
N ASP A 185 -6.69 8.41 4.15
CA ASP A 185 -7.11 9.81 4.15
C ASP A 185 -6.06 10.77 4.66
N ALA A 186 -6.43 12.05 4.74
CA ALA A 186 -5.53 13.12 5.17
C ALA A 186 -4.74 12.85 6.45
N SER A 187 -5.30 12.07 7.37
CA SER A 187 -4.60 11.78 8.61
C SER A 187 -3.97 10.38 8.56
N GLY A 188 -4.13 9.71 7.42
CA GLY A 188 -3.55 8.40 7.25
C GLY A 188 -4.50 7.24 7.54
N LYS A 189 -5.72 7.53 7.94
CA LYS A 189 -6.67 6.46 8.25
C LYS A 189 -7.07 5.72 6.98
N MET A 190 -7.03 4.39 7.05
CA MET A 190 -7.39 3.57 5.89
C MET A 190 -8.91 3.58 5.67
N LEU A 191 -9.33 3.84 4.44
CA LEU A 191 -10.75 3.87 4.12
C LEU A 191 -11.31 2.47 3.87
N THR A 192 -12.59 2.29 4.17
CA THR A 192 -13.22 1.00 3.93
C THR A 192 -14.56 1.27 3.26
N ASP A 193 -15.11 0.22 2.63
CA ASP A 193 -16.39 0.28 1.95
C ASP A 193 -16.40 1.31 0.79
N TRP A 194 -17.57 1.86 0.46
CA TRP A 194 -17.70 2.73 -0.72
C TRP A 194 -17.11 4.10 -0.39
N GLN A 195 -16.33 4.64 -1.32
CA GLN A 195 -15.73 5.95 -1.13
C GLN A 195 -15.60 6.65 -2.48
N LYS A 196 -15.95 7.94 -2.52
CA LYS A 196 -15.82 8.69 -3.76
C LYS A 196 -14.49 9.42 -3.67
N VAL A 197 -13.60 9.13 -4.62
CA VAL A 197 -12.27 9.73 -4.67
C VAL A 197 -12.06 10.35 -6.05
N ASN A 198 -11.69 11.63 -6.07
CA ASN A 198 -11.47 12.35 -7.32
C ASN A 198 -12.66 12.25 -8.27
N GLY A 199 -13.86 12.31 -7.71
CA GLY A 199 -15.07 12.22 -8.51
C GLY A 199 -15.56 10.85 -8.93
N LYS A 200 -14.88 9.78 -8.51
CA LYS A 200 -15.30 8.44 -8.88
C LYS A 200 -15.49 7.56 -7.65
N TRP A 201 -16.31 6.52 -7.79
CA TRP A 201 -16.55 5.61 -6.68
C TRP A 201 -15.61 4.43 -6.74
N TYR A 202 -15.16 4.01 -5.56
CA TYR A 202 -14.27 2.86 -5.40
C TYR A 202 -14.85 2.08 -4.23
N TYR A 203 -14.64 0.76 -4.23
CA TYR A 203 -15.12 -0.06 -3.13
C TYR A 203 -13.93 -0.70 -2.44
N PHE A 204 -13.76 -0.39 -1.16
CA PHE A 204 -12.64 -0.91 -0.39
C PHE A 204 -12.98 -2.05 0.56
N GLY A 205 -14.25 -2.43 0.59
CA GLY A 205 -14.69 -3.53 1.45
C GLY A 205 -14.33 -3.38 2.92
N SER A 206 -14.26 -4.51 3.61
CA SER A 206 -13.95 -4.50 5.03
C SER A 206 -12.45 -4.48 5.30
N SER A 207 -11.66 -5.04 4.38
CA SER A 207 -10.21 -5.12 4.55
C SER A 207 -9.48 -3.87 4.07
N GLY A 208 -10.17 -3.06 3.26
CA GLY A 208 -9.55 -1.85 2.76
C GLY A 208 -8.97 -1.97 1.37
N SER A 209 -8.79 -3.19 0.87
CA SER A 209 -8.22 -3.37 -0.46
C SER A 209 -9.23 -2.97 -1.54
N MET A 210 -8.76 -2.20 -2.50
CA MET A 210 -9.58 -1.71 -3.60
C MET A 210 -10.06 -2.86 -4.48
N ALA A 211 -11.38 -2.97 -4.64
CA ALA A 211 -11.95 -4.02 -5.45
C ALA A 211 -11.76 -3.73 -6.94
N THR A 212 -11.68 -4.79 -7.75
CA THR A 212 -11.57 -4.67 -9.20
C THR A 212 -12.46 -5.74 -9.83
N GLY A 213 -13.05 -5.42 -10.97
CA GLY A 213 -13.93 -6.37 -11.62
C GLY A 213 -15.32 -6.38 -11.00
N TRP A 214 -16.07 -7.46 -11.22
CA TRP A 214 -17.41 -7.57 -10.66
C TRP A 214 -17.32 -7.76 -9.15
N LYS A 215 -18.22 -7.11 -8.42
CA LYS A 215 -18.24 -7.20 -6.97
C LYS A 215 -19.67 -7.18 -6.45
N TYR A 216 -20.00 -8.15 -5.61
CA TYR A 216 -21.33 -8.26 -5.02
C TYR A 216 -21.33 -7.56 -3.66
N VAL A 217 -22.07 -6.46 -3.56
CA VAL A 217 -22.15 -5.71 -2.31
C VAL A 217 -23.59 -5.48 -1.87
N ARG A 218 -23.91 -5.92 -0.66
CA ARG A 218 -25.23 -5.76 -0.08
C ARG A 218 -26.37 -6.10 -1.05
N GLY A 219 -26.32 -7.32 -1.58
CA GLY A 219 -27.37 -7.79 -2.47
C GLY A 219 -27.39 -7.29 -3.90
N LYS A 220 -26.36 -6.59 -4.34
CA LYS A 220 -26.34 -6.11 -5.73
C LYS A 220 -24.96 -6.23 -6.36
N TRP A 221 -24.94 -6.29 -7.68
CA TRP A 221 -23.68 -6.40 -8.40
C TRP A 221 -23.21 -5.05 -8.93
N TYR A 222 -21.91 -4.82 -8.79
CA TYR A 222 -21.27 -3.60 -9.26
C TYR A 222 -20.09 -4.01 -10.09
N TYR A 223 -19.67 -3.14 -11.00
CA TYR A 223 -18.50 -3.45 -11.81
C TYR A 223 -17.47 -2.35 -11.63
N LEU A 224 -16.32 -2.72 -11.09
CA LEU A 224 -15.22 -1.78 -10.88
C LEU A 224 -14.19 -2.04 -11.96
N ASP A 225 -13.62 -0.98 -12.52
CA ASP A 225 -12.61 -1.13 -13.57
C ASP A 225 -11.63 -2.22 -13.16
N ASN A 226 -11.47 -3.24 -14.01
CA ASN A 226 -10.60 -4.36 -13.71
C ASN A 226 -9.17 -3.98 -13.35
N LYS A 227 -8.75 -2.79 -13.75
CA LYS A 227 -7.39 -2.35 -13.45
C LYS A 227 -7.34 -1.15 -12.51
N ASN A 228 -8.15 -0.14 -12.78
CA ASN A 228 -8.14 1.07 -11.97
C ASN A 228 -9.14 1.16 -10.83
N GLY A 229 -10.06 0.20 -10.76
CA GLY A 229 -11.04 0.18 -9.69
C GLY A 229 -12.21 1.14 -9.68
N ASP A 230 -12.26 2.11 -10.59
CA ASP A 230 -13.39 3.05 -10.57
C ASP A 230 -14.69 2.38 -11.01
N MET A 231 -15.76 2.68 -10.29
CA MET A 231 -17.06 2.09 -10.57
C MET A 231 -17.65 2.58 -11.90
N LYS A 232 -18.12 1.63 -12.70
CA LYS A 232 -18.71 1.97 -14.00
C LYS A 232 -20.22 2.09 -13.87
N THR A 233 -20.85 2.78 -14.81
CA THR A 233 -22.29 2.93 -14.83
C THR A 233 -22.74 2.90 -16.29
N GLY A 234 -24.04 2.75 -16.51
CA GLY A 234 -24.57 2.72 -17.87
C GLY A 234 -24.31 1.40 -18.57
N TRP A 235 -24.45 1.40 -19.88
CA TRP A 235 -24.21 0.20 -20.67
C TRP A 235 -22.73 -0.13 -20.67
N GLN A 236 -22.41 -1.38 -20.40
CA GLN A 236 -21.02 -1.82 -20.38
C GLN A 236 -20.89 -3.16 -21.09
N TYR A 237 -19.92 -3.26 -22.00
CA TYR A 237 -19.66 -4.48 -22.74
C TYR A 237 -18.52 -5.22 -22.05
N LEU A 238 -18.86 -6.24 -21.26
CA LEU A 238 -17.87 -7.00 -20.50
C LEU A 238 -17.92 -8.48 -20.83
N GLY A 239 -16.77 -9.04 -21.17
CA GLY A 239 -16.71 -10.45 -21.50
C GLY A 239 -17.60 -10.82 -22.67
N ASN A 240 -17.59 -9.96 -23.70
CA ASN A 240 -18.39 -10.18 -24.90
C ASN A 240 -19.89 -10.23 -24.63
N LYS A 241 -20.34 -9.49 -23.62
CA LYS A 241 -21.76 -9.45 -23.28
C LYS A 241 -22.08 -8.04 -22.79
N TRP A 242 -23.30 -7.59 -23.03
CA TRP A 242 -23.72 -6.27 -22.57
C TRP A 242 -24.42 -6.38 -21.22
N TYR A 243 -24.20 -5.36 -20.39
CA TYR A 243 -24.80 -5.29 -19.06
C TYR A 243 -25.22 -3.83 -18.88
N TYR A 244 -26.28 -3.61 -18.12
CA TYR A 244 -26.70 -2.23 -17.85
C TYR A 244 -26.59 -1.96 -16.36
N LEU A 245 -25.80 -0.94 -16.03
CA LEU A 245 -25.60 -0.55 -14.63
C LEU A 245 -26.30 0.78 -14.40
N ARG A 246 -27.11 0.85 -13.35
CA ARG A 246 -27.82 2.09 -13.02
C ARG A 246 -26.84 3.19 -12.64
N SER A 247 -27.34 4.41 -12.42
CA SER A 247 -26.48 5.51 -12.05
C SER A 247 -25.83 5.26 -10.71
N SER A 248 -26.46 4.42 -9.89
CA SER A 248 -25.94 4.07 -8.57
C SER A 248 -24.84 3.02 -8.73
N GLY A 249 -24.75 2.47 -9.94
CA GLY A 249 -23.76 1.46 -10.26
C GLY A 249 -24.30 0.04 -10.19
N ALA A 250 -25.46 -0.15 -9.57
CA ALA A 250 -26.03 -1.48 -9.42
C ALA A 250 -26.51 -2.07 -10.74
N MET A 251 -26.12 -3.32 -10.99
CA MET A 251 -26.52 -4.02 -12.20
C MET A 251 -28.02 -4.27 -12.23
N VAL A 252 -28.61 -4.08 -13.41
CA VAL A 252 -30.04 -4.30 -13.60
C VAL A 252 -30.30 -5.70 -14.16
N THR A 253 -31.42 -6.29 -13.75
CA THR A 253 -31.84 -7.60 -14.27
C THR A 253 -33.32 -7.42 -14.60
N GLY A 254 -33.82 -8.20 -15.57
CA GLY A 254 -35.22 -8.08 -15.94
C GLY A 254 -35.40 -7.06 -17.07
N TRP A 255 -36.63 -6.57 -17.24
CA TRP A 255 -36.91 -5.59 -18.29
C TRP A 255 -36.38 -4.22 -17.92
N TYR A 256 -35.84 -3.54 -18.93
CA TYR A 256 -35.32 -2.19 -18.73
C TYR A 256 -35.61 -1.37 -19.97
N GLN A 257 -36.26 -0.22 -19.79
CA GLN A 257 -36.56 0.63 -20.92
C GLN A 257 -35.63 1.84 -20.94
N ASP A 258 -34.88 1.97 -22.02
CA ASP A 258 -33.95 3.08 -22.21
C ASP A 258 -34.67 3.98 -23.23
N GLY A 259 -35.27 5.06 -22.74
CA GLY A 259 -36.01 5.93 -23.64
C GLY A 259 -37.28 5.19 -24.00
N LEU A 260 -37.45 4.85 -25.28
CA LEU A 260 -38.64 4.12 -25.70
C LEU A 260 -38.32 2.66 -25.90
N THR A 261 -37.03 2.35 -25.97
CA THR A 261 -36.57 1.00 -26.24
C THR A 261 -36.44 0.06 -25.06
N TRP A 262 -37.05 -1.13 -25.18
CA TRP A 262 -36.95 -2.12 -24.12
C TRP A 262 -35.79 -3.07 -24.36
N TYR A 263 -35.20 -3.52 -23.25
CA TYR A 263 -34.09 -4.46 -23.27
C TYR A 263 -34.39 -5.47 -22.19
N TYR A 264 -33.85 -6.68 -22.32
CA TYR A 264 -34.04 -7.68 -21.29
C TYR A 264 -32.68 -8.16 -20.79
N LEU A 265 -32.44 -7.95 -19.50
CA LEU A 265 -31.19 -8.37 -18.88
C LEU A 265 -31.47 -9.69 -18.14
N ASN A 266 -30.70 -10.71 -18.50
CA ASN A 266 -30.83 -12.04 -17.93
C ASN A 266 -31.04 -12.03 -16.41
N ALA A 267 -32.11 -12.69 -15.97
CA ALA A 267 -32.50 -12.77 -14.57
C ALA A 267 -31.37 -12.88 -13.54
N GLY A 268 -30.43 -13.79 -13.76
CA GLY A 268 -29.37 -13.95 -12.79
C GLY A 268 -28.04 -13.34 -13.18
N ASN A 269 -27.54 -13.71 -14.34
CA ASN A 269 -26.25 -13.23 -14.82
C ASN A 269 -26.26 -11.75 -15.22
N GLY A 270 -27.45 -11.24 -15.57
CA GLY A 270 -27.58 -9.85 -15.96
C GLY A 270 -27.19 -9.50 -17.40
N ASP A 271 -26.73 -10.49 -18.15
CA ASP A 271 -26.33 -10.22 -19.53
C ASP A 271 -27.54 -9.96 -20.43
N MET A 272 -27.38 -9.00 -21.34
CA MET A 272 -28.45 -8.61 -22.25
C MET A 272 -28.77 -9.71 -23.27
N LYS A 273 -30.05 -10.00 -23.43
CA LYS A 273 -30.48 -11.03 -24.38
C LYS A 273 -30.65 -10.50 -25.80
N THR A 274 -30.39 -11.37 -26.78
CA THR A 274 -30.58 -11.05 -28.21
C THR A 274 -31.26 -12.27 -28.80
N GLY A 275 -32.02 -12.06 -29.89
CA GLY A 275 -32.73 -13.16 -30.51
C GLY A 275 -34.04 -13.45 -29.81
N TRP A 276 -34.60 -14.64 -30.04
CA TRP A 276 -35.85 -15.01 -29.40
C TRP A 276 -35.61 -15.51 -27.98
N PHE A 277 -36.43 -15.06 -27.05
CA PHE A 277 -36.32 -15.49 -25.67
C PHE A 277 -37.68 -15.49 -25.02
N GLN A 278 -37.86 -16.36 -24.03
CA GLN A 278 -39.14 -16.49 -23.36
C GLN A 278 -39.12 -15.98 -21.91
N VAL A 279 -40.18 -15.27 -21.54
CA VAL A 279 -40.31 -14.72 -20.20
C VAL A 279 -41.71 -15.00 -19.67
N ASN A 280 -41.80 -15.80 -18.63
CA ASN A 280 -43.07 -16.17 -18.03
C ASN A 280 -44.08 -16.60 -19.08
N GLY A 281 -43.68 -17.55 -19.93
CA GLY A 281 -44.58 -18.05 -20.95
C GLY A 281 -44.59 -17.31 -22.28
N LYS A 282 -44.43 -15.99 -22.24
CA LYS A 282 -44.43 -15.19 -23.47
C LYS A 282 -43.11 -15.25 -24.23
N TRP A 283 -43.18 -15.06 -25.54
CA TRP A 283 -41.99 -15.06 -26.39
C TRP A 283 -41.72 -13.66 -26.91
N TYR A 284 -40.45 -13.27 -26.90
CA TYR A 284 -40.04 -11.94 -27.36
C TYR A 284 -38.82 -12.07 -28.25
N TYR A 285 -38.61 -11.07 -29.09
CA TYR A 285 -37.46 -11.06 -29.99
C TYR A 285 -36.68 -9.76 -29.86
N ALA A 286 -35.38 -9.88 -29.53
CA ALA A 286 -34.53 -8.70 -29.41
C ALA A 286 -33.57 -8.68 -30.58
N TYR A 287 -33.38 -7.50 -31.17
CA TYR A 287 -32.45 -7.38 -32.29
C TYR A 287 -31.04 -7.53 -31.75
N SER A 288 -30.06 -7.51 -32.64
CA SER A 288 -28.66 -7.67 -32.22
C SER A 288 -28.22 -6.55 -31.29
N SER A 289 -28.91 -5.42 -31.34
CA SER A 289 -28.59 -4.28 -30.49
C SER A 289 -29.20 -4.51 -29.11
N GLY A 290 -30.03 -5.55 -29.02
CA GLY A 290 -30.70 -5.87 -27.78
C GLY A 290 -32.09 -5.24 -27.71
N ALA A 291 -32.39 -4.34 -28.65
CA ALA A 291 -33.68 -3.66 -28.68
C ALA A 291 -34.84 -4.62 -28.96
N LEU A 292 -35.88 -4.54 -28.15
CA LEU A 292 -37.06 -5.40 -28.30
C LEU A 292 -37.88 -4.99 -29.53
N ALA A 293 -38.25 -5.98 -30.34
CA ALA A 293 -39.05 -5.71 -31.52
C ALA A 293 -40.50 -5.56 -31.05
N VAL A 294 -41.19 -4.52 -31.53
CA VAL A 294 -42.59 -4.30 -31.14
C VAL A 294 -43.44 -3.88 -32.32
N ASN A 295 -44.74 -4.18 -32.25
CA ASN A 295 -45.69 -3.84 -33.32
C ASN A 295 -45.02 -4.01 -34.69
N THR A 296 -44.70 -5.24 -35.04
CA THR A 296 -44.05 -5.51 -36.30
C THR A 296 -43.98 -7.00 -36.54
N THR A 297 -43.27 -7.38 -37.61
CA THR A 297 -43.11 -8.78 -37.95
C THR A 297 -41.63 -9.16 -37.86
N VAL A 298 -41.37 -10.38 -37.42
CA VAL A 298 -40.01 -10.89 -37.32
C VAL A 298 -39.96 -12.26 -37.99
N ASP A 299 -39.48 -12.29 -39.22
CA ASP A 299 -39.39 -13.52 -40.00
C ASP A 299 -40.73 -14.27 -40.03
N GLY A 300 -41.77 -13.57 -40.46
CA GLY A 300 -43.09 -14.18 -40.54
C GLY A 300 -43.80 -14.32 -39.21
N TYR A 301 -43.26 -13.66 -38.19
CA TYR A 301 -43.85 -13.72 -36.85
C TYR A 301 -44.32 -12.35 -36.39
N SER A 302 -45.56 -12.28 -35.92
CA SER A 302 -46.12 -11.03 -35.44
C SER A 302 -45.90 -10.88 -33.94
N VAL A 303 -45.57 -9.66 -33.54
CA VAL A 303 -45.34 -9.35 -32.13
C VAL A 303 -46.09 -8.05 -31.82
N ASN A 304 -46.90 -8.07 -30.77
CA ASN A 304 -47.69 -6.91 -30.40
C ASN A 304 -46.91 -5.77 -29.75
N TYR A 305 -47.64 -4.73 -29.35
CA TYR A 305 -47.05 -3.54 -28.75
C TYR A 305 -46.17 -3.81 -27.53
N ASN A 306 -46.30 -4.99 -26.94
CA ASN A 306 -45.48 -5.37 -25.78
C ASN A 306 -44.36 -6.30 -26.22
N GLY A 307 -44.21 -6.46 -27.53
CA GLY A 307 -43.17 -7.33 -28.05
C GLY A 307 -43.55 -8.79 -27.98
N GLU A 308 -44.76 -9.06 -27.47
CA GLU A 308 -45.23 -10.43 -27.35
C GLU A 308 -45.59 -11.02 -28.71
N TRP A 309 -45.20 -12.28 -28.91
CA TRP A 309 -45.49 -12.95 -30.16
C TRP A 309 -46.99 -13.19 -30.23
N VAL A 310 -47.64 -12.51 -31.16
CA VAL A 310 -49.08 -12.64 -31.34
C VAL A 310 -49.41 -13.97 -32.02
N GLN A 311 -50.24 -14.76 -31.35
CA GLN A 311 -50.65 -16.07 -31.86
C GLN A 311 -50.91 -16.05 -33.36
S SO4 B . -30.71 4.86 -14.10
O1 SO4 B . -31.61 6.00 -14.37
O2 SO4 B . -31.29 3.63 -14.66
O3 SO4 B . -29.40 5.12 -14.72
O4 SO4 B . -30.53 4.70 -12.64
C1 GOL C . -16.64 -7.98 1.20
O1 GOL C . -17.20 -6.79 0.66
C2 GOL C . -15.36 -7.65 1.96
O2 GOL C . -15.67 -6.69 2.98
C3 GOL C . -14.32 -7.06 1.01
O3 GOL C . -13.13 -6.76 1.74
CAA X8M D . -5.53 2.51 -7.38
CAS X8M D . -5.77 2.89 -8.84
CAB X8M D . -5.39 1.72 -9.77
NAX X8M D . -4.99 4.08 -9.19
CAC X8M D . -3.55 3.78 -9.13
CAU X8M D . -5.38 4.57 -10.51
CAN X8M D . -4.43 5.69 -10.98
CAL X8M D . -6.79 5.10 -10.26
CAM X8M D . -6.75 5.56 -8.80
CAV X8M D . -5.34 5.21 -8.32
CAO X8M D . -4.38 6.37 -8.59
CAT X8M D . -4.51 6.89 -10.03
OAP X8M D . -5.79 7.53 -10.16
CAQ X8M D . -5.67 8.88 -10.16
OAD X8M D . -6.70 9.57 -10.24
CAW X8M D . -4.30 9.57 -10.06
CAK X8M D . -4.31 10.85 -10.90
OAE X8M D . -3.04 11.49 -10.79
CAR X8M D . -3.98 9.90 -8.61
CAI X8M D . -2.89 9.30 -7.98
CAG X8M D . -2.59 9.62 -6.66
CAF X8M D . -3.37 10.53 -5.97
CAH X8M D . -4.46 11.13 -6.59
CAJ X8M D . -4.76 10.81 -7.91
C1 GOL E . 34.41 -15.27 10.77
O1 GOL E . 35.16 -14.89 9.63
C2 GOL E . 33.29 -14.25 11.05
O2 GOL E . 32.39 -14.20 9.93
C3 GOL E . 33.90 -12.87 11.28
O3 GOL E . 32.85 -11.92 11.53
CAA X8M F . -42.39 -18.93 -30.13
CAS X8M F . -42.19 -18.92 -31.64
CAB X8M F . -43.47 -19.37 -32.36
NAX X8M F . -41.08 -19.81 -31.99
CAC X8M F . -41.37 -21.19 -31.60
CAU X8M F . -40.80 -19.72 -33.43
CAN X8M F . -39.78 -20.79 -33.85
CAL X8M F . -40.24 -18.31 -33.58
CAM X8M F . -39.56 -18.06 -32.23
CAV X8M F . -39.82 -19.33 -31.41
CAO X8M F . -38.71 -20.36 -31.67
CAT X8M F . -38.44 -20.55 -33.16
OAP X8M F . -37.86 -19.35 -33.70
CAQ X8M F . -36.50 -19.33 -33.63
OAD X8M F . -35.89 -18.35 -34.05
CAW X8M F . -35.71 -20.52 -33.05
CAK X8M F . -34.34 -20.56 -33.71
OAE X8M F . -33.56 -21.62 -33.15
CAR X8M F . -35.54 -20.37 -31.54
CAI X8M F . -35.76 -21.45 -30.71
CAG X8M F . -35.59 -21.32 -29.34
CAF X8M F . -35.21 -20.11 -28.79
CAH X8M F . -34.99 -19.01 -29.62
CAJ X8M F . -35.15 -19.14 -31.00
C1 GOL G . -11.90 -6.91 -3.60
O1 GOL G . -13.24 -7.41 -3.57
C2 GOL G . -11.44 -6.61 -2.17
O2 GOL G . -11.50 -7.81 -1.39
C3 GOL G . -12.36 -5.55 -1.55
O3 GOL G . -11.91 -5.25 -0.22
CAA X8M H . 28.77 8.17 22.99
CAS X8M H . 28.07 8.81 24.19
CAB X8M H . 27.76 10.28 23.93
NAX X8M H . 28.91 8.68 25.38
CAC X8M H . 30.18 9.39 25.21
CAU X8M H . 28.20 9.16 26.58
CAN X8M H . 29.14 9.22 27.78
CAL X8M H . 27.10 8.11 26.77
CAM X8M H . 27.74 6.83 26.21
CAV X8M H . 29.13 7.26 25.72
CAO X8M H . 30.15 7.15 26.84
CAT X8M H . 29.65 7.81 28.13
OAP X8M H . 28.55 7.05 28.66
CAQ X8M H . 28.98 5.87 29.17
OAD X8M H . 30.17 5.58 29.17
CAW X8M H . 27.94 4.90 29.76
CAK X8M H . 26.76 5.71 30.27
OAE X8M H . 25.81 4.84 30.91
CAR X8M H . 27.48 3.94 28.67
CAI X8M H . 26.27 3.27 28.81
CAG X8M H . 25.84 2.39 27.80
CAF X8M H . 26.63 2.19 26.68
CAH X8M H . 27.84 2.87 26.54
CAJ X8M H . 28.26 3.74 27.53
C1 GOL I . -22.06 -13.95 -5.33
O1 GOL I . -20.93 -13.43 -4.61
C2 GOL I . -23.28 -13.98 -4.40
O2 GOL I . -23.00 -14.80 -3.27
C3 GOL I . -24.48 -14.55 -5.16
O3 GOL I . -25.61 -14.60 -4.28
C1 GOL J . 13.67 -0.71 3.74
O1 GOL J . 14.14 -1.27 4.97
C2 GOL J . 13.38 -1.82 2.73
O2 GOL J . 14.57 -2.56 2.47
C3 GOL J . 12.87 -1.21 1.42
O3 GOL J . 13.85 -0.32 0.88
C1 GOL K . -43.79 0.38 -23.39
O1 GOL K . -43.43 0.99 -24.63
C2 GOL K . -45.02 -0.51 -23.57
O2 GOL K . -44.72 -1.52 -24.54
C3 GOL K . -46.20 0.34 -24.05
O3 GOL K . -47.35 -0.48 -24.20
C4 CHT L . -25.19 2.71 -3.56
C5 CHT L . -24.41 3.71 -4.43
C6 CHT L . -22.18 4.45 -3.35
C7 CHT L . -22.22 2.76 -5.19
C8 CHT L . -22.87 4.64 -5.17
O6 CHT L . -26.60 2.87 -3.81
N1 CHT L . -22.98 3.55 -4.18
C4 CHT M . -42.11 -4.80 -19.25
C5 CHT M . -42.49 -5.78 -20.36
C6 CHT M . -43.98 -4.74 -22.20
C7 CHT M . -41.54 -5.09 -22.58
C8 CHT M . -42.97 -6.41 -22.14
O6 CHT M . -43.28 -4.45 -18.52
N1 CHT M . -42.67 -5.06 -21.62
C4 CHT N . -23.96 -13.06 -11.98
C5 CHT N . -22.58 -12.37 -12.01
C6 CHT N . -21.75 -11.79 -14.40
C7 CHT N . -22.75 -10.05 -12.92
C8 CHT N . -21.15 -11.23 -12.64
O6 CHT N . -23.85 -14.30 -11.28
N1 CHT N . -22.49 -11.48 -13.18
C4 CHT O . -28.03 0.70 -27.01
C5 CHT O . -27.73 -0.67 -26.36
C6 CHT O . -25.98 -2.07 -27.65
C7 CHT O . -25.34 -0.78 -25.62
C8 CHT O . -26.70 -2.24 -25.87
O6 CHT O . -27.48 1.75 -26.21
N1 CHT O . -26.35 -1.06 -26.67
C4 CHT P . -4.09 -6.06 4.65
C5 CHT P . -5.22 -5.88 5.67
C6 CHT P . -4.40 -4.92 7.91
C7 CHT P . -5.55 -3.46 6.25
C8 CHT P . -6.19 -5.09 7.17
O6 CHT P . -3.46 -7.33 4.85
N1 CHT P . -4.90 -4.75 6.55
C4 CHT Q . -2.37 10.68 14.64
C5 CHT Q . -1.71 9.82 13.55
C6 CHT Q . 0.44 8.63 14.36
C7 CHT Q . -1.73 7.40 14.18
C8 CHT Q . -0.67 8.36 12.79
O6 CHT Q . -3.70 10.23 14.86
N1 CHT Q . -1.01 8.70 14.18
#